data_6E0S
#
_entry.id   6E0S
#
_cell.length_a   45.313
_cell.length_b   68.649
_cell.length_c   78.588
_cell.angle_alpha   90.00
_cell.angle_beta   90.00
_cell.angle_gamma   90.00
#
_symmetry.space_group_name_H-M   'P 21 21 21'
#
loop_
_entity.id
_entity.type
_entity.pdbx_description
1 polymer MEM-A1
2 non-polymer 'ZINC ION'
3 non-polymer 'PHOSPHATE ION'
4 non-polymer GLYCEROL
5 water water
#
_entity_poly.entity_id   1
_entity_poly.type   'polypeptide(L)'
_entity_poly.pdbx_seq_one_letter_code
;MKRLMLSAVLAAGVPAMPAMAEDWNDPQEPFAVFGSTYYVGVRGLSAVLIASPQGHILIDGGSPESAPQIAQHIRQLGFK
LEDVKLILNSHEHFDHAGGISELQRLSGATVLASVQGEKVLRSGQPSKGDPQYGELPPMTPVANTRAVADGEVVKLGPLA
VTARYTPGHTQGGVSWTWRATENGKSAAMVYADSLNAFAAKPFRYSGSPAYPNALADIKKSIATVAALDCDILISAHPDA
GDLWRRQARQAELGSAAFIDRQACRQYAERAGVRLQKKLAAEAAEK
;
_entity_poly.pdbx_strand_id   A
#
loop_
_chem_comp.id
_chem_comp.type
_chem_comp.name
_chem_comp.formula
GOL non-polymer GLYCEROL 'C3 H8 O3'
PO4 non-polymer 'PHOSPHATE ION' 'O4 P -3'
ZN non-polymer 'ZINC ION' 'Zn 2'
#
# COMPACT_ATOMS: atom_id res chain seq x y z
N ASP A 23 -3.49 14.12 -11.80
CA ASP A 23 -3.24 12.98 -12.69
C ASP A 23 -3.46 11.66 -11.97
N TRP A 24 -2.91 11.55 -10.75
CA TRP A 24 -3.02 10.30 -9.99
C TRP A 24 -4.47 9.89 -9.79
N ASN A 25 -5.34 10.85 -9.53
CA ASN A 25 -6.75 10.56 -9.24
C ASN A 25 -7.62 10.44 -10.49
N ASP A 26 -7.00 10.34 -11.67
CA ASP A 26 -7.75 10.17 -12.90
C ASP A 26 -8.59 8.88 -12.84
N PRO A 27 -9.63 8.80 -13.68
CA PRO A 27 -10.52 7.64 -13.64
C PRO A 27 -9.82 6.33 -13.95
N GLN A 28 -10.30 5.26 -13.31
CA GLN A 28 -9.82 3.91 -13.54
C GLN A 28 -10.94 2.95 -13.19
N GLU A 29 -11.39 2.18 -14.15
CA GLU A 29 -12.41 1.17 -13.86
C GLU A 29 -11.84 0.08 -12.96
N PRO A 30 -12.61 -0.37 -11.99
CA PRO A 30 -12.15 -1.44 -11.10
C PRO A 30 -12.15 -2.79 -11.81
N PHE A 31 -11.44 -3.74 -11.24
CA PHE A 31 -11.34 -5.05 -11.86
C PHE A 31 -10.97 -6.09 -10.82
N ALA A 32 -11.43 -7.31 -11.07
CA ALA A 32 -10.94 -8.46 -10.32
C ALA A 32 -9.49 -8.73 -10.66
N VAL A 33 -8.70 -9.06 -9.63
CA VAL A 33 -7.29 -9.35 -9.88
C VAL A 33 -7.14 -10.87 -9.82
N PHE A 34 -7.51 -11.46 -8.69
CA PHE A 34 -7.44 -12.91 -8.50
C PHE A 34 -8.42 -13.31 -7.40
N GLY A 35 -9.32 -14.25 -7.69
CA GLY A 35 -10.22 -14.70 -6.64
C GLY A 35 -11.07 -13.54 -6.15
N SER A 36 -11.15 -13.36 -4.83
CA SER A 36 -11.97 -12.31 -4.20
C SER A 36 -11.20 -11.00 -4.00
N THR A 37 -10.06 -10.85 -4.65
CA THR A 37 -9.20 -9.67 -4.53
C THR A 37 -9.43 -8.77 -5.73
N TYR A 38 -9.74 -7.50 -5.46
CA TYR A 38 -10.07 -6.57 -6.56
C TYR A 38 -9.19 -5.33 -6.46
N TYR A 39 -8.86 -4.73 -7.62
CA TYR A 39 -8.38 -3.36 -7.61
C TYR A 39 -9.55 -2.37 -7.58
N VAL A 40 -9.52 -1.42 -6.64
CA VAL A 40 -10.60 -0.43 -6.53
C VAL A 40 -10.03 0.99 -6.39
N GLY A 41 -8.75 1.15 -6.69
CA GLY A 41 -8.10 2.45 -6.57
C GLY A 41 -8.32 3.36 -7.76
N VAL A 42 -7.45 4.36 -7.88
CA VAL A 42 -7.54 5.29 -9.00
C VAL A 42 -6.36 5.06 -9.94
N ARG A 43 -6.23 5.87 -10.97
CA ARG A 43 -5.21 5.55 -11.97
C ARG A 43 -3.78 5.58 -11.38
N GLY A 44 -3.51 6.52 -10.47
CA GLY A 44 -2.13 6.64 -9.99
C GLY A 44 -1.91 6.26 -8.54
N LEU A 45 -2.95 5.79 -7.87
CA LEU A 45 -2.88 5.45 -6.44
C LEU A 45 -3.67 4.20 -6.21
N SER A 46 -3.04 3.17 -5.66
CA SER A 46 -3.71 1.89 -5.51
C SER A 46 -4.66 1.88 -4.33
N ALA A 47 -5.68 1.03 -4.44
CA ALA A 47 -6.43 0.53 -3.30
C ALA A 47 -6.94 -0.84 -3.71
N VAL A 48 -7.03 -1.76 -2.76
CA VAL A 48 -7.34 -3.13 -3.08
C VAL A 48 -8.39 -3.63 -2.11
N LEU A 49 -9.46 -4.23 -2.65
CA LEU A 49 -10.54 -4.80 -1.86
C LEU A 49 -10.37 -6.33 -1.82
N ILE A 50 -10.32 -6.89 -0.62
CA ILE A 50 -10.24 -8.33 -0.42
C ILE A 50 -11.57 -8.74 0.15
N ALA A 51 -12.40 -9.38 -0.65
CA ALA A 51 -13.80 -9.54 -0.28
C ALA A 51 -14.08 -10.90 0.35
N SER A 52 -15.12 -10.97 1.19
CA SER A 52 -15.55 -12.27 1.70
C SER A 52 -16.99 -12.15 2.20
N PRO A 53 -17.70 -13.28 2.30
CA PRO A 53 -19.06 -13.26 2.87
C PRO A 53 -19.11 -12.81 4.31
N GLN A 54 -18.00 -12.87 5.04
CA GLN A 54 -17.96 -12.41 6.42
CA GLN A 54 -17.90 -12.43 6.42
C GLN A 54 -17.50 -10.96 6.53
N GLY A 55 -17.34 -10.26 5.40
CA GLY A 55 -16.84 -8.89 5.42
C GLY A 55 -15.54 -8.75 4.66
N HIS A 56 -15.16 -7.52 4.34
CA HIS A 56 -14.05 -7.27 3.44
C HIS A 56 -12.94 -6.50 4.12
N ILE A 57 -11.74 -6.61 3.55
CA ILE A 57 -10.59 -5.83 3.95
C ILE A 57 -10.24 -4.90 2.80
N LEU A 58 -10.04 -3.62 3.12
CA LEU A 58 -9.64 -2.64 2.12
C LEU A 58 -8.22 -2.15 2.42
N ILE A 59 -7.33 -2.20 1.43
CA ILE A 59 -5.96 -1.70 1.58
C ILE A 59 -5.90 -0.33 0.93
N ASP A 60 -5.67 0.68 1.78
CA ASP A 60 -5.36 2.06 1.46
C ASP A 60 -6.59 2.86 1.09
N GLY A 61 -6.47 4.18 1.11
CA GLY A 61 -7.58 5.04 0.77
C GLY A 61 -7.19 6.11 -0.23
N GLY A 62 -5.98 6.02 -0.79
CA GLY A 62 -5.59 7.09 -1.70
C GLY A 62 -5.58 8.42 -0.96
N SER A 63 -5.77 9.49 -1.72
CA SER A 63 -5.85 10.84 -1.17
C SER A 63 -7.30 11.18 -0.88
N PRO A 64 -7.58 12.32 -0.23
CA PRO A 64 -8.98 12.67 0.02
C PRO A 64 -9.82 12.66 -1.25
N GLU A 65 -9.26 13.09 -2.39
CA GLU A 65 -10.02 13.06 -3.64
C GLU A 65 -10.28 11.63 -4.10
N SER A 66 -9.42 10.69 -3.74
CA SER A 66 -9.61 9.30 -4.16
C SER A 66 -10.75 8.64 -3.42
N ALA A 67 -10.96 9.00 -2.15
CA ALA A 67 -11.88 8.24 -1.31
C ALA A 67 -13.26 8.06 -1.93
N PRO A 68 -13.93 9.09 -2.46
CA PRO A 68 -15.26 8.82 -3.05
C PRO A 68 -15.21 7.94 -4.29
N GLN A 69 -14.13 7.99 -5.07
CA GLN A 69 -13.97 7.10 -6.22
C GLN A 69 -13.78 5.65 -5.78
N ILE A 70 -13.01 5.44 -4.72
CA ILE A 70 -12.80 4.08 -4.20
C ILE A 70 -14.11 3.52 -3.69
N ALA A 71 -14.88 4.36 -2.99
CA ALA A 71 -16.19 3.92 -2.53
C ALA A 71 -17.08 3.55 -3.71
N GLN A 72 -17.13 4.42 -4.72
CA GLN A 72 -17.95 4.12 -5.88
CA GLN A 72 -17.92 4.16 -5.92
C GLN A 72 -17.48 2.85 -6.56
N HIS A 73 -16.16 2.62 -6.63
CA HIS A 73 -15.64 1.41 -7.23
C HIS A 73 -16.09 0.17 -6.47
N ILE A 74 -16.01 0.22 -5.14
CA ILE A 74 -16.49 -0.88 -4.30
C ILE A 74 -17.97 -1.17 -4.58
N ARG A 75 -18.81 -0.13 -4.59
CA ARG A 75 -20.24 -0.32 -4.84
C ARG A 75 -20.49 -0.83 -6.25
N GLN A 76 -19.76 -0.29 -7.21
CA GLN A 76 -19.96 -0.65 -8.60
C GLN A 76 -19.76 -2.16 -8.79
N LEU A 77 -18.80 -2.73 -8.07
CA LEU A 77 -18.54 -4.16 -8.17
C LEU A 77 -19.61 -5.01 -7.47
N GLY A 78 -20.52 -4.40 -6.75
CA GLY A 78 -21.61 -5.09 -6.09
C GLY A 78 -21.45 -5.27 -4.59
N PHE A 79 -20.48 -4.61 -3.98
CA PHE A 79 -20.24 -4.69 -2.54
C PHE A 79 -20.75 -3.44 -1.83
N LYS A 80 -20.89 -3.53 -0.51
CA LYS A 80 -21.35 -2.43 0.31
C LYS A 80 -20.23 -1.92 1.21
N LEU A 81 -20.15 -0.60 1.38
CA LEU A 81 -19.12 -0.04 2.24
C LEU A 81 -19.27 -0.52 3.67
N GLU A 82 -20.51 -0.65 4.16
CA GLU A 82 -20.65 -1.10 5.54
C GLU A 82 -20.23 -2.55 5.75
N ASP A 83 -19.95 -3.29 4.70
CA ASP A 83 -19.35 -4.62 4.86
C ASP A 83 -17.83 -4.58 4.93
N VAL A 84 -17.21 -3.43 4.68
CA VAL A 84 -15.76 -3.33 4.84
C VAL A 84 -15.49 -3.23 6.33
N LYS A 85 -14.79 -4.21 6.87
CA LYS A 85 -14.56 -4.29 8.31
C LYS A 85 -13.21 -3.71 8.73
N LEU A 86 -12.22 -3.75 7.85
CA LEU A 86 -10.87 -3.34 8.20
C LEU A 86 -10.30 -2.57 7.05
N ILE A 87 -9.61 -1.48 7.34
CA ILE A 87 -8.89 -0.72 6.34
C ILE A 87 -7.43 -0.75 6.76
N LEU A 88 -6.56 -1.25 5.86
CA LEU A 88 -5.12 -1.36 6.16
C LEU A 88 -4.38 -0.25 5.44
N ASN A 89 -3.34 0.27 6.05
CA ASN A 89 -2.55 1.35 5.43
C ASN A 89 -1.16 0.86 5.06
N SER A 90 -0.73 1.18 3.84
CA SER A 90 0.66 0.97 3.43
C SER A 90 1.56 2.03 4.09
N HIS A 91 1.41 3.31 3.76
CA HIS A 91 2.16 4.27 4.54
C HIS A 91 1.38 5.58 4.74
N GLU A 92 1.83 6.31 5.75
CA GLU A 92 1.02 7.31 6.45
C GLU A 92 1.16 8.69 5.81
N HIS A 93 1.12 8.75 4.49
CA HIS A 93 1.22 10.01 3.76
C HIS A 93 -0.14 10.31 3.12
N PHE A 94 -0.39 11.60 2.96
CA PHE A 94 -1.58 12.15 2.32
C PHE A 94 -2.08 11.36 1.10
N ASP A 95 -1.18 10.93 0.21
CA ASP A 95 -1.65 10.35 -1.04
C ASP A 95 -2.09 8.90 -0.92
N HIS A 96 -1.90 8.26 0.23
CA HIS A 96 -2.29 6.87 0.41
C HIS A 96 -3.16 6.65 1.63
N ALA A 97 -2.95 7.47 2.66
CA ALA A 97 -3.82 7.46 3.83
C ALA A 97 -4.82 8.60 3.85
N GLY A 98 -4.69 9.60 2.99
CA GLY A 98 -5.53 10.78 3.12
C GLY A 98 -7.02 10.50 2.93
N GLY A 99 -7.36 9.50 2.12
CA GLY A 99 -8.74 9.10 1.93
C GLY A 99 -9.30 8.18 3.02
N ILE A 100 -8.47 7.79 3.97
CA ILE A 100 -8.89 6.74 4.90
C ILE A 100 -10.00 7.24 5.84
N SER A 101 -9.90 8.48 6.31
CA SER A 101 -10.91 9.00 7.22
C SER A 101 -12.32 8.93 6.61
N GLU A 102 -12.46 9.30 5.35
CA GLU A 102 -13.79 9.27 4.72
C GLU A 102 -14.26 7.83 4.48
N LEU A 103 -13.35 6.97 4.04
CA LEU A 103 -13.73 5.57 3.83
C LEU A 103 -14.10 4.91 5.15
N GLN A 104 -13.39 5.25 6.21
CA GLN A 104 -13.81 4.77 7.54
C GLN A 104 -15.17 5.33 7.93
N ARG A 105 -15.46 6.60 7.59
CA ARG A 105 -16.78 7.17 7.90
C ARG A 105 -17.91 6.42 7.18
N LEU A 106 -17.67 6.01 5.93
CA LEU A 106 -18.69 5.32 5.14
C LEU A 106 -18.91 3.89 5.64
N SER A 107 -17.88 3.26 6.20
CA SER A 107 -17.89 1.82 6.46
C SER A 107 -18.07 1.44 7.92
N GLY A 108 -17.58 2.25 8.87
CA GLY A 108 -17.46 1.82 10.25
C GLY A 108 -16.26 0.97 10.53
N ALA A 109 -15.32 0.88 9.59
CA ALA A 109 -14.22 -0.08 9.71
C ALA A 109 -13.21 0.36 10.76
N THR A 110 -12.50 -0.61 11.29
CA THR A 110 -11.32 -0.33 12.10
C THR A 110 -10.14 -0.20 11.16
N VAL A 111 -9.22 0.73 11.47
CA VAL A 111 -8.09 1.06 10.61
C VAL A 111 -6.82 0.50 11.24
N LEU A 112 -6.04 -0.23 10.45
CA LEU A 112 -4.85 -0.93 10.93
C LEU A 112 -3.60 -0.36 10.29
N ALA A 113 -2.54 -0.27 11.10
CA ALA A 113 -1.26 0.26 10.66
C ALA A 113 -0.17 -0.24 11.59
N SER A 114 1.08 -0.05 11.18
CA SER A 114 2.19 -0.26 12.09
C SER A 114 2.10 0.66 13.30
N VAL A 115 2.93 0.36 14.31
CA VAL A 115 2.94 1.22 15.50
C VAL A 115 3.28 2.66 15.12
N GLN A 116 4.30 2.85 14.29
CA GLN A 116 4.66 4.21 13.92
C GLN A 116 3.60 4.84 13.01
N GLY A 117 3.09 4.07 12.05
CA GLY A 117 2.08 4.61 11.15
C GLY A 117 0.80 4.98 11.87
N GLU A 118 0.40 4.15 12.85
CA GLU A 118 -0.82 4.39 13.58
CA GLU A 118 -0.83 4.39 13.56
C GLU A 118 -0.80 5.75 14.27
N LYS A 119 0.38 6.17 14.75
CA LYS A 119 0.47 7.44 15.46
C LYS A 119 0.12 8.60 14.56
N VAL A 120 0.63 8.58 13.33
CA VAL A 120 0.31 9.63 12.38
C VAL A 120 -1.15 9.56 11.95
N LEU A 121 -1.67 8.36 11.72
CA LEU A 121 -3.06 8.28 11.29
C LEU A 121 -3.98 8.85 12.35
N ARG A 122 -3.71 8.55 13.61
CA ARG A 122 -4.59 9.00 14.69
C ARG A 122 -4.59 10.52 14.82
N SER A 123 -3.43 11.16 14.65
CA SER A 123 -3.34 12.61 14.80
C SER A 123 -3.52 13.36 13.49
N GLY A 124 -3.33 12.71 12.36
CA GLY A 124 -3.29 13.43 11.10
C GLY A 124 -2.01 14.19 10.85
N GLN A 125 -1.06 14.21 11.82
CA GLN A 125 0.07 15.14 11.79
C GLN A 125 1.32 14.38 11.36
N PRO A 126 2.00 14.86 10.31
CA PRO A 126 3.25 14.21 9.89
C PRO A 126 4.24 14.13 11.04
N SER A 127 4.97 13.00 11.08
CA SER A 127 6.04 12.82 12.07
C SER A 127 7.21 13.75 11.77
N LYS A 128 7.82 14.30 12.83
CA LYS A 128 9.02 15.14 12.65
C LYS A 128 10.19 14.33 12.13
N GLY A 129 10.12 13.01 12.22
CA GLY A 129 11.13 12.16 11.64
C GLY A 129 10.80 11.67 10.24
N ASP A 130 9.74 12.18 9.62
CA ASP A 130 9.42 11.71 8.28
C ASP A 130 10.49 12.22 7.32
N PRO A 131 10.96 11.36 6.38
CA PRO A 131 11.93 11.85 5.39
C PRO A 131 11.40 13.05 4.63
N GLN A 132 10.07 13.21 4.54
CA GLN A 132 9.48 14.33 3.83
C GLN A 132 8.90 15.38 4.77
N TYR A 133 9.25 15.32 6.06
CA TYR A 133 8.69 16.27 7.02
C TYR A 133 8.97 17.70 6.56
N GLY A 134 7.91 18.51 6.58
CA GLY A 134 7.98 19.88 6.09
C GLY A 134 7.25 20.09 4.79
N GLU A 135 7.21 19.08 3.93
CA GLU A 135 6.48 19.19 2.68
C GLU A 135 5.26 18.30 2.64
N LEU A 136 4.82 17.76 3.81
CA LEU A 136 3.65 16.87 3.90
C LEU A 136 2.44 17.61 4.44
N PRO A 137 1.29 17.46 3.77
CA PRO A 137 0.07 18.09 4.29
C PRO A 137 -0.48 17.33 5.47
N PRO A 138 -1.23 17.99 6.33
CA PRO A 138 -1.93 17.24 7.39
C PRO A 138 -3.06 16.43 6.80
N MET A 139 -3.49 15.41 7.55
CA MET A 139 -4.67 14.64 7.20
C MET A 139 -5.71 14.80 8.30
N THR A 140 -6.96 14.48 7.95
CA THR A 140 -8.02 14.42 8.96
C THR A 140 -7.74 13.28 9.93
N PRO A 141 -7.76 13.53 11.24
CA PRO A 141 -7.51 12.45 12.20
C PRO A 141 -8.45 11.28 11.98
N VAL A 142 -7.93 10.08 12.22
CA VAL A 142 -8.65 8.82 12.01
C VAL A 142 -8.88 8.19 13.38
N ALA A 143 -10.13 7.84 13.67
CA ALA A 143 -10.49 7.18 14.91
C ALA A 143 -10.50 5.66 14.70
N ASN A 144 -10.74 4.91 15.77
CA ASN A 144 -10.91 3.45 15.69
C ASN A 144 -9.72 2.79 14.98
N THR A 145 -8.51 3.17 15.39
CA THR A 145 -7.31 2.56 14.83
C THR A 145 -6.80 1.44 15.75
N ARG A 146 -5.92 0.62 15.20
CA ARG A 146 -5.26 -0.40 15.99
C ARG A 146 -3.90 -0.65 15.36
N ALA A 147 -2.85 -0.72 16.18
CA ALA A 147 -1.53 -0.99 15.62
C ALA A 147 -1.37 -2.49 15.42
N VAL A 148 -0.68 -2.87 14.34
CA VAL A 148 -0.29 -4.27 14.13
C VAL A 148 1.22 -4.37 14.25
N ALA A 149 1.67 -5.53 14.73
CA ALA A 149 3.08 -5.86 14.85
C ALA A 149 3.59 -6.44 13.53
N ASP A 150 4.91 -6.42 13.38
CA ASP A 150 5.53 -7.03 12.22
C ASP A 150 5.25 -8.53 12.24
N GLY A 151 4.80 -9.04 11.11
CA GLY A 151 4.42 -10.43 11.00
C GLY A 151 3.05 -10.79 11.55
N GLU A 152 2.33 -9.83 12.11
CA GLU A 152 0.99 -10.11 12.64
C GLU A 152 0.02 -10.44 11.51
N VAL A 153 -0.80 -11.47 11.74
CA VAL A 153 -1.78 -11.88 10.72
C VAL A 153 -3.14 -11.28 11.06
N VAL A 154 -3.69 -10.54 10.12
CA VAL A 154 -5.01 -9.94 10.25
C VAL A 154 -6.02 -10.94 9.69
N LYS A 155 -6.96 -11.38 10.53
CA LYS A 155 -7.87 -12.47 10.19
C LYS A 155 -9.30 -11.98 10.09
N LEU A 156 -10.00 -12.35 9.02
CA LEU A 156 -11.42 -12.05 8.88
C LEU A 156 -12.05 -13.17 8.07
N GLY A 157 -12.77 -14.05 8.74
CA GLY A 157 -13.34 -15.21 8.08
C GLY A 157 -12.27 -15.99 7.34
N PRO A 158 -12.47 -16.19 6.03
CA PRO A 158 -11.47 -16.88 5.20
C PRO A 158 -10.30 -16.00 4.77
N LEU A 159 -10.18 -14.76 5.24
CA LEU A 159 -9.10 -13.90 4.84
C LEU A 159 -8.01 -13.87 5.91
N ALA A 160 -6.76 -13.87 5.47
CA ALA A 160 -5.63 -13.82 6.42
C ALA A 160 -4.56 -12.99 5.72
N VAL A 161 -4.37 -11.75 6.18
CA VAL A 161 -3.44 -10.80 5.56
C VAL A 161 -2.32 -10.50 6.55
N THR A 162 -1.07 -10.69 6.14
CA THR A 162 0.07 -10.54 7.04
C THR A 162 0.70 -9.16 6.89
N ALA A 163 1.01 -8.53 8.03
CA ALA A 163 1.77 -7.27 7.99
C ALA A 163 3.26 -7.56 7.89
N ARG A 164 3.91 -6.96 6.90
CA ARG A 164 5.37 -7.03 6.76
C ARG A 164 5.92 -5.61 6.83
N TYR A 165 6.52 -5.27 7.97
CA TYR A 165 7.06 -3.92 8.12
C TYR A 165 8.09 -3.67 7.01
N THR A 166 7.90 -2.57 6.28
CA THR A 166 8.88 -2.16 5.26
C THR A 166 9.11 -0.66 5.36
N PRO A 167 9.62 -0.18 6.48
CA PRO A 167 9.88 1.26 6.62
C PRO A 167 11.07 1.70 5.77
N GLY A 168 11.14 3.04 5.57
CA GLY A 168 12.29 3.67 4.92
C GLY A 168 11.79 4.85 4.10
N HIS A 169 10.80 4.59 3.24
CA HIS A 169 10.04 5.69 2.65
C HIS A 169 9.36 6.52 3.73
N THR A 170 8.74 5.86 4.72
CA THR A 170 8.27 6.46 5.96
C THR A 170 8.75 5.65 7.16
N GLN A 171 8.59 6.22 8.34
CA GLN A 171 8.97 5.45 9.52
C GLN A 171 8.04 4.29 9.79
N GLY A 172 6.84 4.29 9.20
CA GLY A 172 5.81 3.30 9.52
C GLY A 172 5.33 2.44 8.38
N GLY A 173 6.02 2.49 7.23
CA GLY A 173 5.53 1.80 6.05
C GLY A 173 5.36 0.29 6.26
N VAL A 174 4.29 -0.26 5.67
CA VAL A 174 3.95 -1.68 5.80
C VAL A 174 3.55 -2.22 4.44
N SER A 175 4.13 -3.36 4.06
CA SER A 175 3.66 -4.14 2.93
C SER A 175 2.82 -5.30 3.46
N TRP A 176 1.83 -5.73 2.68
CA TRP A 176 0.82 -6.69 3.12
C TRP A 176 0.77 -7.90 2.20
N THR A 177 0.68 -9.11 2.78
CA THR A 177 0.69 -10.32 1.95
C THR A 177 -0.48 -11.24 2.31
N TRP A 178 -0.99 -11.94 1.31
CA TRP A 178 -2.10 -12.87 1.52
C TRP A 178 -2.14 -13.81 0.32
N ARG A 179 -2.95 -14.85 0.41
CA ARG A 179 -3.15 -15.77 -0.70
C ARG A 179 -4.58 -15.62 -1.19
N ALA A 180 -4.76 -15.60 -2.51
CA ALA A 180 -6.07 -15.59 -3.15
C ALA A 180 -6.20 -16.88 -3.93
N THR A 181 -7.45 -17.30 -4.18
CA THR A 181 -7.74 -18.59 -4.80
C THR A 181 -8.88 -18.45 -5.80
N GLU A 182 -8.79 -19.18 -6.89
CA GLU A 182 -9.89 -19.22 -7.86
C GLU A 182 -9.70 -20.44 -8.74
N ASN A 183 -10.79 -21.13 -9.05
CA ASN A 183 -10.78 -22.23 -10.04
C ASN A 183 -9.70 -23.28 -9.74
N GLY A 184 -9.47 -23.57 -8.46
CA GLY A 184 -8.48 -24.55 -8.06
C GLY A 184 -7.05 -24.06 -8.03
N LYS A 185 -6.83 -22.77 -8.28
CA LYS A 185 -5.51 -22.17 -8.30
C LYS A 185 -5.37 -21.20 -7.15
N SER A 186 -4.14 -20.94 -6.75
CA SER A 186 -3.88 -19.97 -5.70
CA SER A 186 -3.82 -20.04 -5.66
C SER A 186 -2.69 -19.12 -6.09
N ALA A 187 -2.64 -17.91 -5.54
CA ALA A 187 -1.60 -16.96 -5.87
C ALA A 187 -1.16 -16.24 -4.60
N ALA A 188 0.16 -16.10 -4.42
CA ALA A 188 0.68 -15.27 -3.35
C ALA A 188 0.59 -13.79 -3.78
N MET A 189 -0.25 -13.02 -3.07
CA MET A 189 -0.52 -11.62 -3.36
C MET A 189 0.40 -10.74 -2.53
N VAL A 190 0.92 -9.66 -3.13
CA VAL A 190 1.78 -8.76 -2.38
C VAL A 190 1.31 -7.34 -2.68
N TYR A 191 0.87 -6.62 -1.64
CA TYR A 191 0.61 -5.17 -1.70
C TYR A 191 1.88 -4.51 -1.21
N ALA A 192 2.70 -4.02 -2.13
CA ALA A 192 4.02 -3.51 -1.76
C ALA A 192 3.93 -2.02 -1.46
N ASP A 193 4.50 -1.61 -0.32
CA ASP A 193 4.60 -0.21 0.00
C ASP A 193 5.67 0.42 -0.88
N SER A 194 5.65 1.74 -0.98
CA SER A 194 6.73 2.43 -1.65
C SER A 194 8.04 2.12 -0.95
N LEU A 195 9.08 1.90 -1.77
CA LEU A 195 10.44 1.69 -1.28
C LEU A 195 11.37 2.82 -1.72
N ASN A 196 10.80 3.94 -2.14
CA ASN A 196 11.58 5.02 -2.74
C ASN A 196 12.21 5.91 -1.68
N ALA A 197 13.53 6.04 -1.74
CA ALA A 197 14.26 7.00 -0.92
C ALA A 197 14.00 8.41 -1.42
N PHE A 198 12.96 9.06 -0.92
CA PHE A 198 12.61 10.41 -1.33
C PHE A 198 12.60 11.30 -0.09
N ALA A 199 13.21 12.48 -0.18
CA ALA A 199 13.41 13.29 1.02
C ALA A 199 13.09 14.76 0.74
N ALA A 200 12.49 15.41 1.73
CA ALA A 200 12.38 16.86 1.72
C ALA A 200 13.55 17.47 2.47
N LYS A 201 14.09 18.58 1.93
CA LYS A 201 15.15 19.30 2.62
C LYS A 201 14.69 19.66 4.02
N PRO A 202 15.52 19.47 5.05
CA PRO A 202 16.93 19.10 4.95
C PRO A 202 17.23 17.64 5.22
N PHE A 203 16.26 16.75 5.04
CA PHE A 203 16.46 15.35 5.41
C PHE A 203 17.48 14.68 4.49
N ARG A 204 18.34 13.85 5.05
CA ARG A 204 19.32 13.10 4.27
C ARG A 204 19.33 11.66 4.73
N TYR A 205 19.15 10.74 3.77
CA TYR A 205 19.26 9.32 4.12
C TYR A 205 20.67 8.96 4.57
N SER A 206 21.69 9.69 4.09
CA SER A 206 23.07 9.49 4.52
C SER A 206 23.24 9.66 6.02
N GLY A 207 22.26 10.23 6.71
CA GLY A 207 22.38 10.45 8.14
C GLY A 207 21.50 11.60 8.60
N SER A 208 20.44 11.29 9.34
CA SER A 208 19.59 12.33 9.92
C SER A 208 19.16 11.94 11.32
N PRO A 209 19.43 12.77 12.32
CA PRO A 209 19.08 12.41 13.69
C PRO A 209 17.59 12.37 13.96
N ALA A 210 16.77 12.98 13.09
CA ALA A 210 15.32 12.90 13.22
C ALA A 210 14.79 11.48 12.97
N TYR A 211 15.51 10.71 12.15
CA TYR A 211 15.11 9.34 11.81
C TYR A 211 16.40 8.56 11.59
N PRO A 212 17.09 8.20 12.67
CA PRO A 212 18.48 7.72 12.51
C PRO A 212 18.59 6.40 11.77
N ASN A 213 17.56 5.56 11.76
CA ASN A 213 17.68 4.27 11.08
C ASN A 213 17.15 4.27 9.67
N ALA A 214 16.97 5.45 9.07
CA ALA A 214 16.29 5.52 7.79
C ALA A 214 17.01 4.68 6.72
N LEU A 215 18.33 4.84 6.59
CA LEU A 215 19.06 4.10 5.57
C LEU A 215 19.02 2.59 5.83
N ALA A 216 19.31 2.18 7.07
CA ALA A 216 19.26 0.76 7.40
C ALA A 216 17.89 0.18 7.13
N ASP A 217 16.85 0.92 7.53
CA ASP A 217 15.46 0.52 7.28
C ASP A 217 15.19 0.31 5.79
N ILE A 218 15.49 1.30 4.97
CA ILE A 218 15.09 1.18 3.57
C ILE A 218 15.84 0.05 2.87
N LYS A 219 17.12 -0.13 3.18
CA LYS A 219 17.87 -1.25 2.59
C LYS A 219 17.28 -2.57 3.06
N LYS A 220 16.91 -2.66 4.35
CA LYS A 220 16.34 -3.91 4.80
C LYS A 220 14.97 -4.17 4.16
N SER A 221 14.17 -3.12 3.99
CA SER A 221 12.85 -3.27 3.37
C SER A 221 12.97 -3.66 1.91
N ILE A 222 13.98 -3.15 1.20
CA ILE A 222 14.21 -3.56 -0.17
C ILE A 222 14.49 -5.05 -0.24
N ALA A 223 15.35 -5.55 0.67
CA ALA A 223 15.64 -6.98 0.70
C ALA A 223 14.43 -7.79 1.10
N THR A 224 13.64 -7.30 2.05
CA THR A 224 12.41 -7.98 2.45
C THR A 224 11.47 -8.18 1.27
N VAL A 225 11.20 -7.11 0.52
CA VAL A 225 10.26 -7.21 -0.59
C VAL A 225 10.81 -8.11 -1.69
N ALA A 226 12.12 -8.01 -1.95
CA ALA A 226 12.74 -8.85 -2.95
C ALA A 226 12.55 -10.33 -2.63
N ALA A 227 12.50 -10.69 -1.34
CA ALA A 227 12.45 -12.09 -0.94
C ALA A 227 11.03 -12.64 -0.79
N LEU A 228 10.00 -11.84 -1.03
CA LEU A 228 8.66 -12.29 -0.71
C LEU A 228 8.16 -13.36 -1.69
N ASP A 229 7.35 -14.29 -1.17
CA ASP A 229 6.51 -15.14 -2.02
C ASP A 229 5.60 -14.23 -2.82
N CYS A 230 5.83 -14.11 -4.13
CA CYS A 230 5.23 -13.00 -4.89
C CYS A 230 4.70 -13.49 -6.25
N ASP A 231 3.47 -14.00 -6.27
CA ASP A 231 2.88 -14.33 -7.55
C ASP A 231 2.29 -13.10 -8.23
N ILE A 232 1.57 -12.26 -7.48
CA ILE A 232 0.94 -11.07 -8.05
C ILE A 232 1.31 -9.87 -7.19
N LEU A 233 1.97 -8.89 -7.79
CA LEU A 233 2.36 -7.67 -7.10
C LEU A 233 1.38 -6.55 -7.41
N ILE A 234 0.97 -5.82 -6.38
CA ILE A 234 0.26 -4.55 -6.53
C ILE A 234 0.98 -3.55 -5.66
N SER A 235 1.61 -2.54 -6.27
CA SER A 235 2.38 -1.59 -5.46
C SER A 235 1.56 -0.34 -5.23
N ALA A 236 1.89 0.38 -4.14
CA ALA A 236 1.08 1.53 -3.73
C ALA A 236 0.91 2.55 -4.84
N HIS A 237 1.98 2.82 -5.60
CA HIS A 237 1.84 3.48 -6.90
C HIS A 237 1.78 2.36 -7.94
N PRO A 238 0.64 2.13 -8.59
CA PRO A 238 0.50 0.89 -9.39
C PRO A 238 1.46 0.83 -10.56
N ASP A 239 1.74 1.98 -11.18
CA ASP A 239 2.67 2.06 -12.28
C ASP A 239 4.07 1.60 -11.86
N ALA A 240 4.42 1.77 -10.58
CA ALA A 240 5.79 1.45 -10.18
C ALA A 240 6.03 -0.05 -10.10
N GLY A 241 4.98 -0.85 -10.01
CA GLY A 241 5.13 -2.30 -10.08
C GLY A 241 4.53 -2.87 -11.37
N ASP A 242 4.45 -2.02 -12.41
CA ASP A 242 4.04 -2.42 -13.76
C ASP A 242 2.64 -3.00 -13.79
N LEU A 243 1.75 -2.53 -12.92
CA LEU A 243 0.40 -3.09 -12.88
C LEU A 243 -0.31 -2.91 -14.22
N TRP A 244 -0.17 -1.75 -14.87
CA TRP A 244 -0.93 -1.52 -16.08
C TRP A 244 -0.38 -2.33 -17.25
N ARG A 245 0.93 -2.56 -17.28
CA ARG A 245 1.47 -3.46 -18.31
C ARG A 245 0.88 -4.85 -18.17
N ARG A 246 0.77 -5.35 -16.95
CA ARG A 246 0.22 -6.69 -16.75
CA ARG A 246 0.22 -6.70 -16.76
C ARG A 246 -1.29 -6.72 -16.99
N GLN A 247 -2.01 -5.72 -16.46
CA GLN A 247 -3.46 -5.70 -16.62
C GLN A 247 -3.85 -5.60 -18.08
N ALA A 248 -2.99 -5.00 -18.90
CA ALA A 248 -3.21 -4.85 -20.32
C ALA A 248 -3.29 -6.17 -21.05
N ARG A 249 -2.91 -7.27 -20.41
CA ARG A 249 -3.01 -8.60 -20.98
C ARG A 249 -4.18 -9.42 -20.43
N GLN A 250 -4.94 -8.88 -19.45
CA GLN A 250 -6.06 -9.60 -18.84
CA GLN A 250 -6.05 -9.62 -18.86
C GLN A 250 -7.05 -10.04 -19.93
N ALA A 251 -7.27 -9.20 -20.92
CA ALA A 251 -8.21 -9.55 -21.98
C ALA A 251 -7.83 -10.86 -22.65
N GLU A 252 -6.54 -11.06 -22.90
CA GLU A 252 -6.12 -12.29 -23.56
C GLU A 252 -5.93 -13.43 -22.57
N LEU A 253 -5.44 -13.13 -21.35
CA LEU A 253 -4.91 -14.15 -20.46
C LEU A 253 -5.76 -14.41 -19.22
N GLY A 254 -6.76 -13.58 -18.95
CA GLY A 254 -7.48 -13.74 -17.70
C GLY A 254 -6.60 -13.33 -16.53
N SER A 255 -6.85 -13.96 -15.40
CA SER A 255 -6.16 -13.54 -14.18
C SER A 255 -4.68 -13.88 -14.21
N ALA A 256 -4.27 -14.84 -15.05
CA ALA A 256 -2.85 -15.12 -15.20
C ALA A 256 -2.05 -13.92 -15.71
N ALA A 257 -2.71 -12.94 -16.36
CA ALA A 257 -2.01 -11.74 -16.78
C ALA A 257 -1.29 -11.07 -15.61
N PHE A 258 -1.82 -11.22 -14.40
CA PHE A 258 -1.26 -10.54 -13.24
C PHE A 258 -0.10 -11.29 -12.64
N ILE A 259 0.09 -12.57 -12.99
CA ILE A 259 1.09 -13.40 -12.33
C ILE A 259 2.46 -13.18 -12.95
N ASP A 260 3.44 -12.89 -12.09
CA ASP A 260 4.83 -12.77 -12.52
C ASP A 260 5.69 -12.91 -11.27
N ARG A 261 6.32 -14.08 -11.13
CA ARG A 261 7.02 -14.33 -9.87
C ARG A 261 8.32 -13.55 -9.73
N GLN A 262 8.73 -12.80 -10.76
CA GLN A 262 9.86 -11.88 -10.60
C GLN A 262 9.43 -10.46 -10.32
N ALA A 263 8.12 -10.19 -10.19
CA ALA A 263 7.67 -8.80 -10.07
C ALA A 263 8.20 -8.10 -8.79
N CYS A 264 8.14 -8.78 -7.64
CA CYS A 264 8.63 -8.14 -6.41
C CYS A 264 10.15 -7.92 -6.46
N ARG A 265 10.89 -8.88 -7.00
CA ARG A 265 12.34 -8.69 -7.09
C ARG A 265 12.68 -7.55 -8.03
N GLN A 266 11.96 -7.42 -9.14
CA GLN A 266 12.22 -6.30 -10.06
C GLN A 266 11.89 -4.95 -9.40
N TYR A 267 10.77 -4.91 -8.69
CA TYR A 267 10.37 -3.70 -7.97
C TYR A 267 11.41 -3.33 -6.92
N ALA A 268 11.91 -4.33 -6.21
CA ALA A 268 12.92 -4.05 -5.19
C ALA A 268 14.22 -3.60 -5.82
N GLU A 269 14.61 -4.22 -6.95
CA GLU A 269 15.85 -3.80 -7.60
C GLU A 269 15.75 -2.36 -8.09
N ARG A 270 14.57 -1.98 -8.60
CA ARG A 270 14.41 -0.60 -9.04
C ARG A 270 14.55 0.37 -7.88
N ALA A 271 13.98 0.01 -6.74
CA ALA A 271 14.12 0.83 -5.55
C ALA A 271 15.58 0.91 -5.11
N GLY A 272 16.30 -0.20 -5.21
CA GLY A 272 17.73 -0.15 -4.87
C GLY A 272 18.50 0.81 -5.74
N VAL A 273 18.16 0.86 -7.03
CA VAL A 273 18.81 1.81 -7.93
C VAL A 273 18.45 3.24 -7.53
N ARG A 274 17.18 3.49 -7.20
CA ARG A 274 16.79 4.85 -6.81
C ARG A 274 17.49 5.27 -5.53
N LEU A 275 17.73 4.32 -4.63
CA LEU A 275 18.43 4.63 -3.40
C LEU A 275 19.87 5.02 -3.67
N GLN A 276 20.54 4.29 -4.57
CA GLN A 276 21.92 4.65 -4.91
C GLN A 276 21.97 6.03 -5.56
N LYS A 277 21.02 6.35 -6.43
CA LYS A 277 20.96 7.68 -7.01
C LYS A 277 20.74 8.75 -5.93
N LYS A 278 19.88 8.46 -4.95
CA LYS A 278 19.63 9.42 -3.88
C LYS A 278 20.89 9.64 -3.03
N LEU A 279 21.59 8.57 -2.69
CA LEU A 279 22.81 8.74 -1.91
C LEU A 279 23.85 9.54 -2.69
N ALA A 280 23.92 9.34 -4.01
CA ALA A 280 24.85 10.12 -4.83
C ALA A 280 24.45 11.58 -4.87
N ALA A 281 23.16 11.87 -5.02
CA ALA A 281 22.69 13.25 -4.99
C ALA A 281 22.98 13.91 -3.66
N GLU A 282 22.88 13.15 -2.56
CA GLU A 282 23.15 13.72 -1.25
C GLU A 282 24.61 14.06 -1.06
N ALA A 283 25.52 13.30 -1.68
CA ALA A 283 26.93 13.65 -1.58
C ALA A 283 27.23 15.00 -2.24
N ALA A 284 26.52 15.33 -3.33
CA ALA A 284 26.74 16.61 -4.00
C ALA A 284 26.25 17.79 -3.17
N GLU A 285 25.45 17.53 -2.13
CA GLU A 285 25.03 18.56 -1.19
C GLU A 285 25.81 18.54 0.12
N LYS A 286 26.61 17.50 0.37
CA LYS A 286 27.36 17.37 1.63
C LYS A 286 28.26 18.58 1.89
ZN ZN B . 4.84 8.52 0.51
ZN ZN C . 3.66 8.76 -2.21
P PO4 D . 2.92 0.62 -16.26
O1 PO4 D . 4.42 0.47 -16.04
O2 PO4 D . 2.20 -0.54 -15.65
O3 PO4 D . 2.47 1.93 -15.61
O4 PO4 D . 2.63 0.65 -17.75
C1 GOL E . 7.39 10.54 15.88
O1 GOL E . 8.39 9.86 16.57
C2 GOL E . 7.14 11.88 16.58
O2 GOL E . 8.32 12.45 17.04
C3 GOL E . 6.41 12.75 15.52
O3 GOL E . 6.89 14.05 15.54
#